data_7X5U
#
_entry.id   7X5U
#
_cell.length_a   76.660
_cell.length_b   83.852
_cell.length_c   62.052
_cell.angle_alpha   90.00
_cell.angle_beta   100.17
_cell.angle_gamma   90.00
#
_symmetry.space_group_name_H-M   'C 1 2 1'
#
loop_
_entity.id
_entity.type
_entity.pdbx_description
1 polymer '4-hydroxyphenylpyruvate dioxygenase'
2 non-polymer 'COBALT (II) ION'
3 non-polymer (1R,2S,3R)-1-cyclopropyl-2-(iminomethyl)-3-[2-methylsulfonyl-4-(trifluoromethyl)phenyl]propane-1,3-diol
4 non-polymer (4S)-2-METHYL-2,4-PENTANEDIOL
5 water water
#
_entity_poly.entity_id   1
_entity_poly.type   'polypeptide(L)'
_entity_poly.pdbx_seq_one_letter_code
;GSHMVRKNPKSDKFKVKRFHHIEFWCGDATNVARRFSWGLGMRFSAKSDLSTGNMVHASYLLTSGDLRFLFTAPYSPSLS
AGEIKPTTTASIPSFDHGSCRSFFSSHGLGVRAVAIEVEDAESAFSISVANGAIPSSPPIVLNEAVTIAEVKLYGDVVLR
YVSYKAEDTEKSEFLPGFERVEDASSFPLDYGIRRLDHAVGNVPELGPALTYVAGFTGFHQFAEFTADDVGTAESGLNSA
VLASNDEMVLLPINEPVHGTKRKSQIQTYLEHNEGAGLQHLALMSEDIFRTLREMRKRSSIGGFDFMPSPPPTYYQNLKK
RVGDVLSDDQIKECEELGILVDRDDQGTLLQIFTKPLGDRPTIFIEIIQRVGCMMKDEEGKAYQSGGCGGFGKGNFSELF
KSIEEYEKTLEAKQLVG
;
_entity_poly.pdbx_strand_id   A
#
loop_
_chem_comp.id
_chem_comp.type
_chem_comp.name
_chem_comp.formula
9R6 non-polymer (1R,2S,3R)-1-cyclopropyl-2-(iminomethyl)-3-[2-methylsulfonyl-4-(trifluoromethyl)phenyl]propane-1,3-diol 'C15 H18 F3 N O4 S'
CO non-polymer 'COBALT (II) ION' 'Co 2'
MPD non-polymer (4S)-2-METHYL-2,4-PENTANEDIOL 'C6 H14 O2'
#
# COMPACT_ATOMS: atom_id res chain seq x y z
N LYS A 7 19.18 -16.03 -0.36
CA LYS A 7 18.51 -17.32 -0.23
C LYS A 7 16.99 -17.17 -0.31
N ASN A 8 16.39 -17.80 -1.31
CA ASN A 8 14.94 -17.83 -1.48
C ASN A 8 14.48 -19.28 -1.40
N PRO A 9 13.95 -19.72 -0.26
CA PRO A 9 13.49 -21.12 -0.14
C PRO A 9 12.24 -21.42 -0.94
N LYS A 10 11.53 -20.40 -1.43
CA LYS A 10 10.31 -20.57 -2.22
C LYS A 10 9.30 -21.46 -1.47
N SER A 11 8.91 -20.99 -0.29
CA SER A 11 8.14 -21.80 0.65
C SER A 11 6.67 -21.40 0.75
N ASP A 12 6.17 -20.63 -0.22
CA ASP A 12 4.76 -20.24 -0.24
C ASP A 12 3.86 -21.46 -0.14
N LYS A 13 2.96 -21.43 0.84
CA LYS A 13 2.05 -22.56 1.07
C LYS A 13 0.91 -22.62 0.06
N PHE A 14 0.76 -21.59 -0.78
CA PHE A 14 -0.22 -21.61 -1.85
C PHE A 14 0.27 -20.67 -2.95
N LYS A 15 -0.30 -20.82 -4.14
CA LYS A 15 0.19 -20.06 -5.30
C LYS A 15 -0.31 -18.62 -5.19
N VAL A 16 0.64 -17.69 -5.10
CA VAL A 16 0.36 -16.27 -5.02
C VAL A 16 0.77 -15.62 -6.33
N LYS A 17 -0.07 -14.73 -6.85
CA LYS A 17 0.28 -14.08 -8.10
C LYS A 17 0.88 -12.71 -7.84
N ARG A 18 0.05 -11.70 -7.69
CA ARG A 18 0.54 -10.34 -7.51
C ARG A 18 -0.41 -9.60 -6.59
N PHE A 19 0.05 -8.44 -6.15
CA PHE A 19 -0.83 -7.49 -5.46
C PHE A 19 -2.03 -7.21 -6.34
N HIS A 20 -3.23 -7.21 -5.75
CA HIS A 20 -4.44 -7.01 -6.53
C HIS A 20 -5.08 -5.66 -6.28
N HIS A 21 -5.30 -5.30 -5.03
CA HIS A 21 -5.82 -3.97 -4.74
C HIS A 21 -5.55 -3.65 -3.28
N ILE A 22 -5.68 -2.37 -2.95
CA ILE A 22 -5.62 -1.89 -1.58
C ILE A 22 -6.97 -1.25 -1.31
N GLU A 23 -7.60 -1.61 -0.19
CA GLU A 23 -8.90 -1.02 0.17
C GLU A 23 -8.76 -0.13 1.39
N PHE A 24 -9.15 1.14 1.23
CA PHE A 24 -9.25 2.09 2.32
C PHE A 24 -10.66 2.05 2.87
N TRP A 25 -10.77 2.02 4.20
CA TRP A 25 -12.06 2.24 4.84
C TRP A 25 -12.15 3.69 5.26
N CYS A 26 -13.24 4.32 4.85
CA CYS A 26 -13.43 5.77 4.85
C CYS A 26 -14.71 6.09 5.60
N GLY A 27 -14.86 7.35 5.99
CA GLY A 27 -16.14 7.83 6.42
C GLY A 27 -16.99 8.26 5.24
N ASP A 28 -16.34 8.90 4.26
CA ASP A 28 -16.98 9.31 3.02
C ASP A 28 -16.06 8.90 1.89
N ALA A 29 -16.46 7.88 1.15
CA ALA A 29 -15.60 7.33 0.10
C ALA A 29 -15.42 8.32 -1.05
N THR A 30 -16.47 9.07 -1.39
CA THR A 30 -16.45 10.00 -2.52
C THR A 30 -15.34 11.03 -2.37
N ASN A 31 -15.27 11.69 -1.20
CA ASN A 31 -14.30 12.78 -1.07
C ASN A 31 -12.89 12.26 -1.01
N VAL A 32 -12.66 11.12 -0.33
CA VAL A 32 -11.31 10.58 -0.30
C VAL A 32 -10.89 10.13 -1.70
N ALA A 33 -11.79 9.43 -2.41
CA ALA A 33 -11.45 8.95 -3.75
C ALA A 33 -11.17 10.11 -4.71
N ARG A 34 -11.98 11.16 -4.67
CA ARG A 34 -11.73 12.29 -5.58
C ARG A 34 -10.40 12.97 -5.26
N ARG A 35 -10.10 13.16 -3.96
CA ARG A 35 -8.83 13.74 -3.56
C ARG A 35 -7.68 12.89 -4.05
N PHE A 36 -7.72 11.59 -3.77
CA PHE A 36 -6.64 10.69 -4.19
C PHE A 36 -6.48 10.66 -5.71
N SER A 37 -7.59 10.69 -6.44
CA SER A 37 -7.54 10.65 -7.90
C SER A 37 -6.71 11.80 -8.45
N TRP A 38 -7.00 13.01 -7.97
CA TRP A 38 -6.31 14.19 -8.43
C TRP A 38 -4.88 14.22 -7.93
N GLY A 39 -4.68 13.83 -6.67
CA GLY A 39 -3.35 13.90 -6.08
C GLY A 39 -2.36 12.91 -6.68
N LEU A 40 -2.82 11.72 -7.06
CA LEU A 40 -1.95 10.63 -7.52
C LEU A 40 -2.06 10.37 -9.02
N GLY A 41 -3.03 10.97 -9.70
CA GLY A 41 -3.20 10.72 -11.13
C GLY A 41 -3.78 9.37 -11.40
N MET A 42 -4.84 9.01 -10.68
CA MET A 42 -5.50 7.73 -10.87
C MET A 42 -6.90 7.95 -11.40
N ARG A 43 -7.29 7.12 -12.34
CA ARG A 43 -8.58 7.24 -13.00
C ARG A 43 -9.65 6.51 -12.21
N PHE A 44 -10.85 7.09 -12.18
CA PHE A 44 -12.02 6.38 -11.68
C PHE A 44 -12.41 5.30 -12.69
N SER A 45 -12.39 4.03 -12.27
CA SER A 45 -12.67 2.96 -13.23
C SER A 45 -13.81 2.03 -12.87
N ALA A 46 -14.25 1.99 -11.60
CA ALA A 46 -15.36 1.12 -11.26
C ALA A 46 -16.05 1.66 -10.02
N LYS A 47 -17.32 1.33 -9.88
CA LYS A 47 -18.08 1.73 -8.71
C LYS A 47 -19.05 0.64 -8.30
N SER A 48 -19.38 0.63 -7.01
CA SER A 48 -20.45 -0.19 -6.47
C SER A 48 -21.09 0.67 -5.39
N ASP A 49 -22.34 1.07 -5.60
CA ASP A 49 -22.96 2.05 -4.71
C ASP A 49 -24.46 2.03 -4.97
N LEU A 50 -25.17 3.06 -4.51
CA LEU A 50 -26.63 3.06 -4.66
C LEU A 50 -27.03 2.95 -6.13
N SER A 51 -26.30 3.61 -7.02
CA SER A 51 -26.64 3.56 -8.44
C SER A 51 -26.41 2.20 -9.06
N THR A 52 -25.72 1.28 -8.37
CA THR A 52 -25.55 -0.08 -8.87
C THR A 52 -26.33 -1.09 -8.05
N GLY A 53 -27.23 -0.62 -7.18
CA GLY A 53 -28.05 -1.49 -6.36
C GLY A 53 -27.47 -1.85 -5.01
N ASN A 54 -26.29 -1.33 -4.68
CA ASN A 54 -25.64 -1.65 -3.42
C ASN A 54 -26.18 -0.72 -2.35
N MET A 55 -27.02 -1.25 -1.44
CA MET A 55 -27.64 -0.49 -0.37
C MET A 55 -26.82 -0.51 0.91
N VAL A 56 -25.64 -1.12 0.88
CA VAL A 56 -24.85 -1.39 2.06
C VAL A 56 -23.65 -0.45 2.15
N HIS A 57 -22.83 -0.42 1.11
CA HIS A 57 -21.61 0.36 1.15
C HIS A 57 -21.39 1.05 -0.19
N ALA A 58 -20.70 2.18 -0.14
CA ALA A 58 -20.26 2.87 -1.34
C ALA A 58 -18.79 2.55 -1.56
N SER A 59 -18.45 2.06 -2.75
CA SER A 59 -17.09 1.63 -3.06
C SER A 59 -16.69 2.19 -4.41
N TYR A 60 -15.58 2.94 -4.44
CA TYR A 60 -15.08 3.53 -5.67
C TYR A 60 -13.66 3.06 -5.92
N LEU A 61 -13.39 2.60 -7.13
CA LEU A 61 -12.10 2.04 -7.50
C LEU A 61 -11.34 3.03 -8.37
N LEU A 62 -10.12 3.37 -7.96
CA LEU A 62 -9.19 4.14 -8.77
C LEU A 62 -8.11 3.22 -9.33
N THR A 63 -7.68 3.49 -10.56
CA THR A 63 -6.61 2.69 -11.15
C THR A 63 -5.53 3.57 -11.77
N SER A 64 -4.28 3.13 -11.65
CA SER A 64 -3.19 3.72 -12.44
C SER A 64 -2.30 2.56 -12.83
N GLY A 65 -2.29 2.24 -14.12
CA GLY A 65 -1.62 1.02 -14.55
C GLY A 65 -2.22 -0.19 -13.87
N ASP A 66 -1.40 -0.94 -13.14
CA ASP A 66 -1.87 -2.10 -12.42
C ASP A 66 -2.26 -1.79 -10.98
N LEU A 67 -2.05 -0.56 -10.53
CA LEU A 67 -2.39 -0.17 -9.17
C LEU A 67 -3.89 0.05 -9.05
N ARG A 68 -4.48 -0.56 -8.02
CA ARG A 68 -5.92 -0.46 -7.77
C ARG A 68 -6.11 0.00 -6.34
N PHE A 69 -6.67 1.20 -6.16
CA PHE A 69 -7.03 1.72 -4.85
C PHE A 69 -8.55 1.70 -4.76
N LEU A 70 -9.07 1.04 -3.72
CA LEU A 70 -10.50 0.95 -3.48
C LEU A 70 -10.84 1.78 -2.25
N PHE A 71 -11.89 2.59 -2.34
CA PHE A 71 -12.34 3.44 -1.23
C PHE A 71 -13.77 3.07 -0.89
N THR A 72 -13.99 2.67 0.37
CA THR A 72 -15.29 2.16 0.80
C THR A 72 -15.73 2.84 2.08
N ALA A 73 -17.02 3.17 2.13
CA ALA A 73 -17.66 3.77 3.28
C ALA A 73 -19.03 3.13 3.45
N PRO A 74 -19.53 3.07 4.69
CA PRO A 74 -20.86 2.50 4.92
C PRO A 74 -21.99 3.51 4.72
N TYR A 75 -23.11 3.05 4.16
CA TYR A 75 -24.34 3.83 4.19
C TYR A 75 -25.03 3.67 5.54
N SER A 76 -26.13 4.38 5.74
CA SER A 76 -26.96 4.12 6.91
C SER A 76 -27.37 2.65 6.91
N PRO A 77 -27.23 1.94 8.04
CA PRO A 77 -27.72 0.55 8.08
C PRO A 77 -29.19 0.44 7.76
N SER A 78 -29.97 1.51 7.97
CA SER A 78 -31.41 1.44 7.71
C SER A 78 -31.72 1.11 6.27
N LEU A 79 -30.83 1.45 5.32
CA LEU A 79 -31.10 1.16 3.92
C LEU A 79 -31.14 -0.34 3.66
N SER A 80 -30.47 -1.13 4.49
CA SER A 80 -30.33 -2.55 4.25
C SER A 80 -30.85 -3.37 5.43
N ALA A 81 -31.64 -2.77 6.32
CA ALA A 81 -32.06 -3.43 7.54
C ALA A 81 -32.92 -4.66 7.26
N GLY A 82 -33.56 -4.74 6.09
CA GLY A 82 -34.32 -5.92 5.76
C GLY A 82 -33.52 -7.02 5.10
N GLU A 83 -32.23 -6.78 4.83
CA GLU A 83 -31.39 -7.79 4.21
C GLU A 83 -30.81 -8.71 5.27
N ILE A 84 -30.50 -9.94 4.84
CA ILE A 84 -29.65 -10.86 5.58
C ILE A 84 -28.50 -11.22 4.64
N LYS A 85 -27.48 -11.89 5.19
CA LYS A 85 -26.33 -12.20 4.34
C LYS A 85 -26.72 -12.93 3.06
N PRO A 86 -27.61 -13.93 3.06
CA PRO A 86 -28.00 -14.56 1.80
C PRO A 86 -28.75 -13.65 0.83
N THR A 87 -29.24 -12.49 1.28
CA THR A 87 -29.96 -11.55 0.40
C THR A 87 -29.25 -10.21 0.31
N THR A 88 -27.96 -10.16 0.62
CA THR A 88 -27.25 -8.88 0.69
C THR A 88 -27.13 -8.23 -0.69
N THR A 89 -27.14 -6.90 -0.68
CA THR A 89 -26.80 -6.15 -1.88
C THR A 89 -25.37 -5.64 -1.85
N ALA A 90 -24.63 -5.91 -0.77
CA ALA A 90 -23.20 -5.59 -0.77
C ALA A 90 -22.48 -6.38 -1.86
N SER A 91 -21.57 -5.70 -2.56
CA SER A 91 -20.74 -6.35 -3.56
C SER A 91 -19.49 -6.96 -2.93
N ILE A 92 -19.13 -6.53 -1.73
CA ILE A 92 -18.01 -7.11 -0.99
C ILE A 92 -18.63 -7.77 0.23
N PRO A 93 -18.87 -9.08 0.20
CA PRO A 93 -19.68 -9.70 1.25
C PRO A 93 -19.00 -9.71 2.61
N SER A 94 -17.69 -9.49 2.67
CA SER A 94 -17.05 -9.35 3.97
C SER A 94 -17.39 -8.04 4.67
N PHE A 95 -17.95 -7.08 3.97
CA PHE A 95 -18.20 -5.78 4.58
C PHE A 95 -19.19 -5.89 5.73
N ASP A 96 -18.93 -5.14 6.78
CA ASP A 96 -19.82 -5.06 7.94
C ASP A 96 -19.86 -3.61 8.40
N HIS A 97 -21.08 -3.04 8.48
CA HIS A 97 -21.22 -1.65 8.94
C HIS A 97 -20.49 -1.42 10.26
N GLY A 98 -20.75 -2.28 11.25
CA GLY A 98 -20.17 -2.08 12.57
C GLY A 98 -18.66 -2.15 12.54
N SER A 99 -18.11 -3.12 11.80
CA SER A 99 -16.66 -3.23 11.69
C SER A 99 -16.08 -1.99 11.05
N CYS A 100 -16.71 -1.50 9.98
CA CYS A 100 -16.17 -0.35 9.26
C CYS A 100 -16.22 0.90 10.12
N ARG A 101 -17.36 1.14 10.79
CA ARG A 101 -17.45 2.31 11.66
C ARG A 101 -16.46 2.21 12.81
N SER A 102 -16.29 1.01 13.37
CA SER A 102 -15.36 0.84 14.48
C SER A 102 -13.92 1.02 14.02
N PHE A 103 -13.59 0.50 12.85
CA PHE A 103 -12.28 0.71 12.26
C PHE A 103 -11.96 2.19 12.08
N PHE A 104 -12.87 2.92 11.44
CA PHE A 104 -12.64 4.34 11.14
C PHE A 104 -12.57 5.17 12.40
N SER A 105 -13.50 4.93 13.32
CA SER A 105 -13.52 5.68 14.56
C SER A 105 -12.25 5.41 15.37
N SER A 106 -11.76 4.18 15.31
CA SER A 106 -10.55 3.81 16.05
C SER A 106 -9.29 4.35 15.38
N HIS A 107 -9.15 4.14 14.07
CA HIS A 107 -7.89 4.36 13.38
C HIS A 107 -7.86 5.59 12.48
N GLY A 108 -9.01 6.18 12.17
CA GLY A 108 -9.09 7.18 11.14
C GLY A 108 -8.96 6.51 9.79
N LEU A 109 -8.84 7.36 8.76
CA LEU A 109 -8.70 6.90 7.37
C LEU A 109 -7.46 6.03 7.21
N GLY A 110 -7.62 4.86 6.63
CA GLY A 110 -6.50 3.94 6.54
C GLY A 110 -6.87 2.70 5.75
N VAL A 111 -5.87 1.83 5.60
CA VAL A 111 -6.02 0.60 4.81
C VAL A 111 -6.66 -0.48 5.66
N ARG A 112 -7.81 -0.98 5.20
CA ARG A 112 -8.46 -2.14 5.80
C ARG A 112 -7.91 -3.43 5.21
N ALA A 113 -7.74 -3.49 3.88
CA ALA A 113 -7.39 -4.73 3.21
C ALA A 113 -6.21 -4.55 2.30
N VAL A 114 -5.22 -5.43 2.45
CA VAL A 114 -4.18 -5.63 1.45
C VAL A 114 -4.57 -6.88 0.68
N ALA A 115 -4.91 -6.72 -0.59
CA ALA A 115 -5.46 -7.81 -1.36
C ALA A 115 -4.42 -8.32 -2.34
N ILE A 116 -4.21 -9.64 -2.35
CA ILE A 116 -3.32 -10.27 -3.30
C ILE A 116 -4.13 -11.28 -4.10
N GLU A 117 -3.81 -11.39 -5.38
CA GLU A 117 -4.45 -12.39 -6.23
C GLU A 117 -3.74 -13.71 -6.06
N VAL A 118 -4.52 -14.78 -5.97
CA VAL A 118 -3.99 -16.12 -5.76
C VAL A 118 -4.65 -17.05 -6.76
N GLU A 119 -4.13 -18.28 -6.81
CA GLU A 119 -4.71 -19.29 -7.69
C GLU A 119 -6.12 -19.65 -7.24
N ASP A 120 -6.30 -19.85 -5.94
CA ASP A 120 -7.54 -20.40 -5.40
C ASP A 120 -7.71 -19.79 -4.01
N ALA A 121 -8.58 -18.78 -3.90
CA ALA A 121 -8.76 -18.10 -2.62
C ALA A 121 -9.30 -19.02 -1.54
N GLU A 122 -10.14 -19.99 -1.92
CA GLU A 122 -10.63 -20.96 -0.94
C GLU A 122 -9.49 -21.79 -0.37
N SER A 123 -8.63 -22.31 -1.25
CA SER A 123 -7.46 -23.07 -0.80
C SER A 123 -6.52 -22.20 0.03
N ALA A 124 -6.20 -20.99 -0.47
CA ALA A 124 -5.37 -20.08 0.30
C ALA A 124 -5.95 -19.82 1.69
N PHE A 125 -7.26 -19.61 1.78
CA PHE A 125 -7.89 -19.38 3.08
C PHE A 125 -7.73 -20.62 3.97
N SER A 126 -8.10 -21.79 3.43
CA SER A 126 -8.06 -23.02 4.20
C SER A 126 -6.63 -23.34 4.65
N ILE A 127 -5.66 -23.24 3.75
CA ILE A 127 -4.27 -23.50 4.13
C ILE A 127 -3.78 -22.47 5.13
N SER A 128 -4.12 -21.19 4.92
CA SER A 128 -3.69 -20.17 5.88
C SER A 128 -4.19 -20.46 7.28
N VAL A 129 -5.49 -20.77 7.41
CA VAL A 129 -6.04 -20.98 8.74
C VAL A 129 -5.50 -22.27 9.35
N ALA A 130 -5.28 -23.28 8.53
CA ALA A 130 -4.66 -24.51 9.03
C ALA A 130 -3.26 -24.25 9.57
N ASN A 131 -2.62 -23.17 9.12
CA ASN A 131 -1.28 -22.82 9.55
C ASN A 131 -1.25 -21.58 10.45
N GLY A 132 -2.35 -21.28 11.15
CA GLY A 132 -2.33 -20.31 12.21
C GLY A 132 -2.95 -18.96 11.89
N ALA A 133 -3.37 -18.72 10.65
CA ALA A 133 -4.04 -17.46 10.33
C ALA A 133 -5.36 -17.35 11.08
N ILE A 134 -5.64 -16.15 11.59
CA ILE A 134 -6.90 -15.87 12.26
C ILE A 134 -7.91 -15.53 11.17
N PRO A 135 -8.95 -16.31 10.99
CA PRO A 135 -9.93 -16.02 9.93
C PRO A 135 -10.64 -14.70 10.21
N SER A 136 -10.90 -13.98 9.14
CA SER A 136 -11.68 -12.75 9.22
C SER A 136 -12.97 -12.82 8.43
N SER A 137 -12.92 -13.38 7.23
CA SER A 137 -14.11 -13.60 6.43
C SER A 137 -13.87 -14.84 5.58
N PRO A 138 -14.77 -15.82 5.65
CA PRO A 138 -14.55 -17.08 4.95
C PRO A 138 -14.70 -16.90 3.45
N PRO A 139 -14.27 -17.88 2.66
CA PRO A 139 -14.36 -17.73 1.21
C PRO A 139 -15.80 -17.62 0.77
N ILE A 140 -16.05 -16.67 -0.14
CA ILE A 140 -17.37 -16.47 -0.72
C ILE A 140 -17.18 -16.39 -2.22
N VAL A 141 -17.99 -17.15 -2.95
CA VAL A 141 -17.91 -17.15 -4.41
C VAL A 141 -18.91 -16.12 -4.93
N LEU A 142 -18.40 -15.17 -5.73
CA LEU A 142 -19.21 -14.09 -6.28
C LEU A 142 -19.55 -14.43 -7.72
N ASN A 143 -20.86 -14.52 -8.01
CA ASN A 143 -21.36 -14.75 -9.38
C ASN A 143 -20.69 -15.94 -10.05
N GLU A 144 -20.35 -16.96 -9.26
CA GLU A 144 -19.65 -18.16 -9.76
C GLU A 144 -18.37 -17.81 -10.52
N ALA A 145 -17.77 -16.66 -10.23
CA ALA A 145 -16.67 -16.18 -11.05
C ALA A 145 -15.46 -15.75 -10.25
N VAL A 146 -15.65 -15.16 -9.07
CA VAL A 146 -14.56 -14.65 -8.26
C VAL A 146 -14.76 -15.17 -6.84
N THR A 147 -13.66 -15.55 -6.19
CA THR A 147 -13.72 -15.98 -4.80
C THR A 147 -12.88 -15.02 -3.96
N ILE A 148 -13.43 -14.59 -2.83
CA ILE A 148 -12.76 -13.67 -1.92
C ILE A 148 -12.77 -14.27 -0.52
N ALA A 149 -11.66 -14.13 0.19
CA ALA A 149 -11.50 -14.59 1.56
C ALA A 149 -10.51 -13.66 2.26
N GLU A 150 -10.62 -13.59 3.59
CA GLU A 150 -9.84 -12.64 4.38
C GLU A 150 -9.37 -13.28 5.67
N VAL A 151 -8.08 -13.07 5.99
CA VAL A 151 -7.51 -13.44 7.28
C VAL A 151 -6.87 -12.20 7.88
N LYS A 152 -6.72 -12.21 9.21
CA LYS A 152 -6.09 -11.07 9.88
C LYS A 152 -4.62 -10.98 9.50
N LEU A 153 -4.15 -9.76 9.23
CA LEU A 153 -2.74 -9.54 8.92
C LEU A 153 -2.01 -8.94 10.12
N TYR A 154 -2.45 -7.77 10.59
CA TYR A 154 -1.98 -7.13 11.81
C TYR A 154 -2.96 -6.02 12.15
N GLY A 155 -3.10 -5.73 13.44
CA GLY A 155 -4.11 -4.78 13.88
C GLY A 155 -5.46 -5.17 13.31
N ASP A 156 -6.15 -4.19 12.73
CA ASP A 156 -7.41 -4.42 12.04
C ASP A 156 -7.24 -4.45 10.52
N VAL A 157 -6.03 -4.72 10.06
CA VAL A 157 -5.76 -4.89 8.64
C VAL A 157 -5.91 -6.37 8.29
N VAL A 158 -6.58 -6.65 7.18
CA VAL A 158 -6.74 -8.01 6.70
C VAL A 158 -5.93 -8.23 5.42
N LEU A 159 -5.43 -9.46 5.29
CA LEU A 159 -4.91 -9.94 4.02
C LEU A 159 -6.07 -10.60 3.27
N ARG A 160 -6.42 -10.04 2.13
CA ARG A 160 -7.55 -10.50 1.35
C ARG A 160 -7.06 -11.33 0.18
N TYR A 161 -7.56 -12.54 0.05
CA TYR A 161 -7.24 -13.39 -1.09
C TYR A 161 -8.35 -13.25 -2.13
N VAL A 162 -7.96 -13.08 -3.39
CA VAL A 162 -8.90 -13.01 -4.50
C VAL A 162 -8.41 -13.96 -5.58
N SER A 163 -9.31 -14.78 -6.11
CA SER A 163 -8.99 -15.69 -7.20
C SER A 163 -10.09 -15.59 -8.26
N TYR A 164 -9.70 -15.69 -9.52
CA TYR A 164 -10.63 -15.59 -10.63
C TYR A 164 -10.66 -16.89 -11.40
N LYS A 165 -11.87 -17.34 -11.74
CA LYS A 165 -12.00 -18.50 -12.61
C LYS A 165 -11.40 -18.21 -13.98
N ALA A 166 -11.89 -17.17 -14.64
CA ALA A 166 -11.38 -16.79 -15.97
C ALA A 166 -10.23 -15.81 -15.85
N GLU A 173 -15.48 -4.96 -14.09
CA GLU A 173 -15.09 -6.37 -14.08
C GLU A 173 -14.11 -6.61 -12.90
N PHE A 174 -13.87 -5.54 -12.13
CA PHE A 174 -13.05 -5.64 -10.93
C PHE A 174 -13.51 -6.75 -10.01
N LEU A 175 -14.75 -6.65 -9.54
CA LEU A 175 -15.46 -7.67 -8.80
C LEU A 175 -16.88 -7.69 -9.34
N PRO A 176 -17.58 -8.81 -9.23
CA PRO A 176 -18.99 -8.82 -9.63
C PRO A 176 -19.77 -7.76 -8.86
N GLY A 177 -20.76 -7.19 -9.52
CA GLY A 177 -21.54 -6.13 -8.92
C GLY A 177 -20.94 -4.75 -9.02
N PHE A 178 -19.66 -4.64 -9.42
CA PHE A 178 -19.08 -3.34 -9.74
C PHE A 178 -19.37 -3.02 -11.19
N GLU A 179 -19.62 -1.74 -11.46
CA GLU A 179 -19.85 -1.28 -12.82
C GLU A 179 -18.68 -0.41 -13.28
N ARG A 180 -18.31 -0.56 -14.55
CA ARG A 180 -17.37 0.36 -15.18
C ARG A 180 -17.97 1.76 -15.24
N VAL A 181 -17.14 2.77 -14.99
CA VAL A 181 -17.64 4.13 -14.81
C VAL A 181 -17.88 4.79 -16.15
N GLU A 182 -18.96 5.58 -16.23
CA GLU A 182 -19.25 6.35 -17.43
C GLU A 182 -18.09 7.28 -17.74
N ASP A 183 -17.55 7.17 -18.95
CA ASP A 183 -16.28 7.81 -19.26
C ASP A 183 -16.32 9.32 -19.12
N ALA A 184 -17.51 9.93 -19.12
CA ALA A 184 -17.60 11.37 -18.82
C ALA A 184 -17.11 11.65 -17.41
N SER A 185 -17.45 10.77 -16.47
CA SER A 185 -16.92 10.81 -15.12
C SER A 185 -15.52 10.23 -15.00
N SER A 186 -15.00 9.61 -16.06
CA SER A 186 -13.69 8.95 -16.06
C SER A 186 -12.71 9.77 -16.89
N PHE A 187 -12.00 10.70 -16.23
CA PHE A 187 -10.95 11.50 -16.84
C PHE A 187 -9.63 10.73 -16.82
N PRO A 188 -8.92 10.62 -17.94
CA PRO A 188 -7.75 9.73 -18.02
C PRO A 188 -6.49 10.33 -17.42
N LEU A 189 -6.54 10.64 -16.13
CA LEU A 189 -5.35 11.09 -15.42
C LEU A 189 -4.30 9.98 -15.35
N ASP A 190 -3.04 10.40 -15.40
CA ASP A 190 -1.93 9.46 -15.32
C ASP A 190 -0.66 10.24 -15.08
N TYR A 191 -0.05 10.08 -13.91
CA TYR A 191 1.23 10.69 -13.61
C TYR A 191 2.37 9.69 -13.62
N GLY A 192 2.13 8.48 -14.11
CA GLY A 192 3.18 7.49 -14.27
C GLY A 192 3.19 6.37 -13.25
N ILE A 193 2.31 6.38 -12.25
CA ILE A 193 2.31 5.28 -11.30
C ILE A 193 1.73 4.04 -11.95
N ARG A 194 2.35 2.88 -11.66
CA ARG A 194 2.02 1.67 -12.40
C ARG A 194 1.69 0.45 -11.54
N ARG A 195 2.25 0.35 -10.32
CA ARG A 195 1.92 -0.83 -9.52
C ARG A 195 2.31 -0.62 -8.07
N LEU A 196 1.76 -1.48 -7.20
CA LEU A 196 2.14 -1.51 -5.80
C LEU A 196 3.44 -2.29 -5.65
N ASP A 197 4.48 -1.65 -5.12
CA ASP A 197 5.75 -2.32 -4.91
C ASP A 197 5.80 -3.04 -3.57
N HIS A 198 5.40 -2.37 -2.48
CA HIS A 198 5.36 -3.03 -1.18
C HIS A 198 4.39 -2.28 -0.28
N ALA A 199 3.90 -2.99 0.72
CA ALA A 199 2.92 -2.47 1.67
C ALA A 199 3.40 -2.83 3.06
N VAL A 200 3.60 -1.82 3.90
CA VAL A 200 4.35 -1.93 5.15
C VAL A 200 3.42 -1.74 6.34
N GLY A 201 3.51 -2.63 7.31
CA GLY A 201 2.79 -2.49 8.57
C GLY A 201 3.68 -2.06 9.72
N ASN A 202 3.07 -1.37 10.68
CA ASN A 202 3.71 -1.01 11.94
C ASN A 202 3.09 -1.85 13.04
N VAL A 203 3.93 -2.49 13.85
CA VAL A 203 3.44 -3.29 14.96
C VAL A 203 4.24 -2.93 16.22
N PRO A 204 3.71 -3.26 17.40
CA PRO A 204 4.52 -3.06 18.61
C PRO A 204 5.70 -4.02 18.71
N GLU A 205 5.57 -5.24 18.20
CA GLU A 205 6.58 -6.29 18.35
C GLU A 205 6.80 -6.98 17.01
N LEU A 206 8.00 -6.80 16.44
CA LEU A 206 8.26 -7.31 15.10
C LEU A 206 8.30 -8.83 15.09
N GLY A 207 8.94 -9.44 16.08
CA GLY A 207 9.12 -10.88 16.12
C GLY A 207 7.84 -11.66 15.98
N PRO A 208 6.91 -11.46 16.92
CA PRO A 208 5.65 -12.21 16.85
C PRO A 208 4.84 -11.93 15.59
N ALA A 209 4.87 -10.69 15.10
CA ALA A 209 4.18 -10.38 13.86
C ALA A 209 4.76 -11.15 12.68
N LEU A 210 6.10 -11.21 12.60
CA LEU A 210 6.74 -11.93 11.51
C LEU A 210 6.40 -13.41 11.58
N THR A 211 6.52 -14.00 12.77
CA THR A 211 6.25 -15.42 12.96
C THR A 211 4.83 -15.77 12.52
N TYR A 212 3.86 -14.94 12.87
CA TYR A 212 2.46 -15.18 12.50
C TYR A 212 2.28 -15.17 11.00
N VAL A 213 2.69 -14.08 10.34
CA VAL A 213 2.40 -13.94 8.90
C VAL A 213 3.22 -14.94 8.08
N ALA A 214 4.51 -15.08 8.40
CA ALA A 214 5.30 -16.06 7.68
C ALA A 214 4.81 -17.47 7.98
N GLY A 215 4.26 -17.68 9.18
CA GLY A 215 3.74 -18.98 9.53
C GLY A 215 2.60 -19.44 8.63
N PHE A 216 1.65 -18.54 8.34
CA PHE A 216 0.49 -18.99 7.58
C PHE A 216 0.60 -18.78 6.08
N THR A 217 1.55 -17.96 5.62
CA THR A 217 1.77 -17.79 4.19
C THR A 217 2.91 -18.64 3.65
N GLY A 218 3.92 -18.93 4.47
CA GLY A 218 5.14 -19.45 3.91
C GLY A 218 5.98 -18.41 3.21
N PHE A 219 5.63 -17.13 3.33
CA PHE A 219 6.50 -16.09 2.80
C PHE A 219 7.83 -16.12 3.53
N HIS A 220 8.90 -15.81 2.79
CA HIS A 220 10.25 -15.90 3.31
C HIS A 220 10.81 -14.51 3.60
N GLN A 221 11.84 -14.47 4.45
CA GLN A 221 12.51 -13.21 4.75
C GLN A 221 13.34 -12.77 3.55
N PHE A 222 13.11 -11.53 3.12
CA PHE A 222 13.81 -10.92 1.99
C PHE A 222 15.09 -10.27 2.51
N SER A 235 16.98 4.86 11.79
CA SER A 235 16.90 4.66 13.23
C SER A 235 15.47 4.86 13.73
N GLY A 236 15.23 4.46 14.97
CA GLY A 236 13.90 4.46 15.52
C GLY A 236 13.07 3.25 15.19
N LEU A 237 13.55 2.35 14.32
CA LEU A 237 12.78 1.18 13.96
C LEU A 237 13.71 0.01 13.70
N ASN A 238 13.14 -1.19 13.86
CA ASN A 238 13.66 -2.41 13.27
C ASN A 238 12.63 -2.91 12.28
N SER A 239 13.11 -3.47 11.16
CA SER A 239 12.18 -3.95 10.15
C SER A 239 12.70 -5.24 9.53
N ALA A 240 11.81 -5.88 8.78
CA ALA A 240 12.11 -7.09 8.04
C ALA A 240 11.03 -7.22 6.98
N VAL A 241 11.37 -7.88 5.89
CA VAL A 241 10.51 -7.98 4.72
C VAL A 241 10.12 -9.43 4.48
N LEU A 242 8.82 -9.69 4.35
CA LEU A 242 8.32 -10.99 3.94
C LEU A 242 7.95 -10.95 2.47
N ALA A 243 8.30 -12.02 1.74
CA ALA A 243 8.17 -12.04 0.28
C ALA A 243 7.60 -13.36 -0.19
N SER A 244 6.79 -13.29 -1.26
CA SER A 244 6.29 -14.48 -1.93
C SER A 244 7.42 -15.13 -2.76
N ASN A 245 7.07 -16.24 -3.41
CA ASN A 245 8.06 -17.07 -4.11
C ASN A 245 8.86 -16.25 -5.13
N ASP A 246 8.19 -15.51 -6.00
CA ASP A 246 8.88 -14.69 -6.98
C ASP A 246 9.18 -13.30 -6.47
N GLU A 247 8.95 -13.05 -5.17
CA GLU A 247 9.34 -11.81 -4.48
C GLU A 247 8.67 -10.59 -5.11
N MET A 248 7.50 -10.79 -5.72
CA MET A 248 6.69 -9.70 -6.24
C MET A 248 5.67 -9.18 -5.22
N VAL A 249 5.24 -10.03 -4.29
CA VAL A 249 4.40 -9.59 -3.19
C VAL A 249 5.33 -9.38 -2.01
N LEU A 250 5.48 -8.13 -1.58
CA LEU A 250 6.44 -7.75 -0.55
C LEU A 250 5.68 -7.09 0.58
N LEU A 251 5.82 -7.66 1.78
CA LEU A 251 5.08 -7.24 2.97
C LEU A 251 6.07 -7.00 4.10
N PRO A 252 6.69 -5.82 4.14
CA PRO A 252 7.56 -5.47 5.25
C PRO A 252 6.77 -5.14 6.51
N ILE A 253 7.44 -5.26 7.65
CA ILE A 253 6.85 -4.93 8.95
C ILE A 253 7.90 -4.18 9.77
N ASN A 254 7.47 -3.11 10.45
CA ASN A 254 8.29 -2.30 11.33
C ASN A 254 7.84 -2.43 12.77
N GLU A 255 8.81 -2.33 13.69
CA GLU A 255 8.57 -2.15 15.11
C GLU A 255 9.35 -0.95 15.60
N PRO A 256 8.91 -0.30 16.68
CA PRO A 256 9.67 0.83 17.22
C PRO A 256 10.92 0.40 17.96
N VAL A 257 11.87 1.32 18.05
CA VAL A 257 13.04 1.18 18.91
C VAL A 257 12.96 2.27 19.97
N HIS A 258 12.86 1.86 21.24
CA HIS A 258 12.58 2.78 22.32
C HIS A 258 13.87 3.28 22.99
N GLY A 259 13.74 4.40 23.68
CA GLY A 259 14.89 5.01 24.33
C GLY A 259 15.77 5.81 23.41
N THR A 260 15.29 6.15 22.21
CA THR A 260 16.12 6.86 21.25
C THR A 260 16.14 8.36 21.55
N LYS A 261 17.09 9.05 20.90
CA LYS A 261 17.19 10.49 21.06
C LYS A 261 15.91 11.18 20.61
N ARG A 262 15.48 10.90 19.38
CA ARG A 262 14.18 11.34 18.89
C ARG A 262 13.18 10.21 19.06
N LYS A 263 11.94 10.56 19.42
CA LYS A 263 10.90 9.56 19.60
C LYS A 263 10.69 8.79 18.29
N SER A 264 10.61 7.47 18.40
CA SER A 264 10.39 6.65 17.22
C SER A 264 9.08 7.01 16.54
N GLN A 265 9.15 7.31 15.23
CA GLN A 265 7.93 7.57 14.49
C GLN A 265 7.02 6.34 14.44
N ILE A 266 7.56 5.14 14.63
CA ILE A 266 6.70 3.96 14.69
C ILE A 266 5.82 4.02 15.93
N GLN A 267 6.37 4.47 17.06
CA GLN A 267 5.59 4.59 18.29
C GLN A 267 4.55 5.70 18.17
N THR A 268 4.93 6.83 17.57
CA THR A 268 3.93 7.86 17.29
C THR A 268 2.79 7.29 16.45
N TYR A 269 3.14 6.55 15.40
CA TYR A 269 2.12 5.87 14.59
C TYR A 269 1.20 5.04 15.47
N LEU A 270 1.78 4.17 16.29
CA LEU A 270 0.97 3.26 17.10
C LEU A 270 0.06 4.02 18.05
N GLU A 271 0.54 5.15 18.57
CA GLU A 271 -0.28 5.94 19.47
C GLU A 271 -1.43 6.61 18.72
N HIS A 272 -1.14 7.25 17.60
CA HIS A 272 -2.17 8.01 16.89
C HIS A 272 -3.13 7.09 16.14
N ASN A 273 -2.67 5.90 15.74
CA ASN A 273 -3.50 4.93 15.05
C ASN A 273 -4.32 4.04 15.97
N GLU A 274 -4.10 4.11 17.29
CA GLU A 274 -4.66 3.15 18.23
C GLU A 274 -4.24 1.73 17.86
N GLY A 275 -2.95 1.56 17.65
CA GLY A 275 -2.34 0.25 17.54
C GLY A 275 -1.76 0.00 16.16
N ALA A 276 -1.49 -1.28 15.91
CA ALA A 276 -0.88 -1.72 14.66
C ALA A 276 -1.75 -1.38 13.47
N GLY A 277 -1.10 -1.15 12.34
CA GLY A 277 -1.80 -0.93 11.09
C GLY A 277 -0.84 -0.68 9.97
N LEU A 278 -1.40 -0.38 8.80
CA LEU A 278 -0.58 -0.17 7.62
C LEU A 278 0.08 1.19 7.68
N GLN A 279 1.41 1.22 7.57
CA GLN A 279 2.17 2.47 7.68
C GLN A 279 2.37 3.14 6.33
N HIS A 280 2.93 2.44 5.35
CA HIS A 280 3.09 3.11 4.06
C HIS A 280 2.87 2.15 2.89
N LEU A 281 2.39 2.72 1.79
CA LEU A 281 2.25 2.06 0.51
C LEU A 281 3.30 2.62 -0.43
N ALA A 282 4.14 1.75 -1.00
CA ALA A 282 5.14 2.18 -1.96
C ALA A 282 4.63 1.88 -3.35
N LEU A 283 4.50 2.94 -4.15
CA LEU A 283 3.90 2.87 -5.48
C LEU A 283 5.01 3.03 -6.51
N MET A 284 5.18 2.01 -7.36
CA MET A 284 6.19 2.08 -8.41
C MET A 284 5.74 3.02 -9.51
N SER A 285 6.65 3.88 -9.96
CA SER A 285 6.43 4.75 -11.10
C SER A 285 7.33 4.30 -12.25
N GLU A 286 6.80 4.38 -13.47
CA GLU A 286 7.65 4.12 -14.63
C GLU A 286 8.47 5.34 -15.03
N ASP A 287 8.32 6.45 -14.31
CA ASP A 287 9.03 7.69 -14.58
C ASP A 287 8.88 8.58 -13.36
N ILE A 288 9.74 8.38 -12.35
CA ILE A 288 9.53 9.02 -11.07
C ILE A 288 9.71 10.53 -11.19
N PHE A 289 10.52 10.98 -12.13
CA PHE A 289 10.65 12.41 -12.40
C PHE A 289 9.31 13.00 -12.78
N ARG A 290 8.65 12.39 -13.75
CA ARG A 290 7.33 12.87 -14.18
C ARG A 290 6.34 12.79 -13.04
N THR A 291 6.30 11.64 -12.35
CA THR A 291 5.34 11.49 -11.26
C THR A 291 5.47 12.61 -10.24
N LEU A 292 6.70 12.92 -9.85
CA LEU A 292 6.88 13.91 -8.80
C LEU A 292 6.62 15.32 -9.31
N ARG A 293 6.98 15.61 -10.56
CA ARG A 293 6.60 16.91 -11.11
C ARG A 293 5.09 17.07 -11.09
N GLU A 294 4.36 16.04 -11.48
CA GLU A 294 2.90 16.15 -11.56
C GLU A 294 2.29 16.20 -10.16
N MET A 295 2.81 15.41 -9.23
CA MET A 295 2.26 15.42 -7.88
C MET A 295 2.58 16.73 -7.15
N ARG A 296 3.82 17.24 -7.32
CA ARG A 296 4.21 18.46 -6.63
C ARG A 296 3.45 19.67 -7.15
N LYS A 297 3.13 19.68 -8.44
CA LYS A 297 2.31 20.76 -8.99
C LYS A 297 0.96 20.85 -8.31
N ARG A 298 0.48 19.72 -7.79
CA ARG A 298 -0.86 19.65 -7.22
C ARG A 298 -0.88 19.63 -5.69
N SER A 299 0.28 19.70 -5.02
CA SER A 299 0.33 19.58 -3.57
C SER A 299 -0.60 20.57 -2.86
N SER A 300 -0.58 21.83 -3.30
CA SER A 300 -1.32 22.87 -2.63
C SER A 300 -2.67 23.15 -3.28
N ILE A 301 -3.07 22.33 -4.24
CA ILE A 301 -4.37 22.49 -4.90
C ILE A 301 -5.14 21.18 -4.86
N GLY A 302 -5.08 20.51 -3.72
CA GLY A 302 -5.91 19.35 -3.45
C GLY A 302 -5.16 18.04 -3.39
N GLY A 303 -3.88 18.02 -3.78
CA GLY A 303 -3.12 16.78 -3.85
C GLY A 303 -2.40 16.47 -2.56
N PHE A 304 -1.22 15.85 -2.70
CA PHE A 304 -0.45 15.39 -1.56
C PHE A 304 0.81 16.23 -1.40
N ASP A 305 1.20 16.40 -0.15
CA ASP A 305 2.43 17.08 0.23
C ASP A 305 3.56 16.09 0.35
N PHE A 306 4.78 16.57 0.22
CA PHE A 306 5.96 15.73 0.36
C PHE A 306 6.77 16.15 1.57
N MET A 307 7.54 15.19 2.10
CA MET A 307 8.40 15.45 3.23
C MET A 307 9.43 16.51 2.86
N PRO A 308 10.01 17.19 3.84
CA PRO A 308 11.06 18.18 3.53
C PRO A 308 12.23 17.53 2.81
N SER A 309 12.78 18.27 1.83
CA SER A 309 13.85 17.74 1.01
C SER A 309 15.14 17.60 1.82
N PRO A 310 16.03 16.69 1.44
CA PRO A 310 17.33 16.61 2.11
C PRO A 310 18.18 17.83 1.78
N PRO A 311 19.14 18.18 2.64
CA PRO A 311 19.98 19.36 2.37
C PRO A 311 20.81 19.14 1.11
N PRO A 312 21.24 20.19 0.40
CA PRO A 312 21.98 19.98 -0.85
C PRO A 312 23.27 19.16 -0.70
N THR A 313 23.82 19.07 0.50
CA THR A 313 24.95 18.19 0.72
C THR A 313 24.60 16.76 0.36
N TYR A 314 23.35 16.35 0.57
CA TYR A 314 22.92 15.03 0.16
C TYR A 314 23.11 14.83 -1.34
N TYR A 315 22.76 15.82 -2.15
CA TYR A 315 22.93 15.69 -3.58
C TYR A 315 24.37 15.90 -4.01
N GLN A 316 25.12 16.71 -3.26
CA GLN A 316 26.57 16.76 -3.44
C GLN A 316 27.20 15.39 -3.24
N ASN A 317 26.66 14.60 -2.29
CA ASN A 317 27.20 13.27 -2.02
C ASN A 317 26.66 12.20 -2.96
N LEU A 318 25.71 12.53 -3.82
CA LEU A 318 25.13 11.51 -4.70
C LEU A 318 26.15 11.05 -5.73
N LYS A 319 26.95 11.98 -6.27
CA LYS A 319 27.92 11.62 -7.30
C LYS A 319 28.84 10.50 -6.84
N LYS A 320 29.28 10.56 -5.57
CA LYS A 320 30.25 9.58 -5.07
C LYS A 320 29.69 8.17 -5.02
N ARG A 321 28.37 7.99 -5.03
CA ARG A 321 27.82 6.66 -4.89
C ARG A 321 26.86 6.22 -5.98
N VAL A 322 26.33 7.13 -6.80
CA VAL A 322 25.43 6.72 -7.87
C VAL A 322 25.78 7.42 -9.17
N GLY A 323 26.95 8.07 -9.20
CA GLY A 323 27.38 8.80 -10.39
C GLY A 323 27.60 7.92 -11.61
N ASP A 324 27.75 6.62 -11.43
CA ASP A 324 27.81 5.68 -12.55
C ASP A 324 26.42 5.24 -13.03
N VAL A 325 25.36 5.68 -12.35
CA VAL A 325 24.00 5.30 -12.70
C VAL A 325 23.20 6.49 -13.21
N LEU A 326 23.40 7.66 -12.63
CA LEU A 326 22.70 8.88 -13.00
C LEU A 326 23.70 9.93 -13.47
N SER A 327 23.30 10.68 -14.49
CA SER A 327 24.13 11.80 -14.94
C SER A 327 24.03 12.95 -13.94
N ASP A 328 24.87 13.96 -14.14
CA ASP A 328 24.77 15.17 -13.33
C ASP A 328 23.42 15.84 -13.51
N ASP A 329 22.91 15.86 -14.76
CA ASP A 329 21.60 16.43 -15.01
C ASP A 329 20.51 15.62 -14.34
N GLN A 330 20.60 14.28 -14.40
CA GLN A 330 19.62 13.43 -13.74
C GLN A 330 19.73 13.52 -12.23
N ILE A 331 20.94 13.76 -11.71
CA ILE A 331 21.10 14.02 -10.28
C ILE A 331 20.48 15.37 -9.91
N LYS A 332 20.75 16.40 -10.72
CA LYS A 332 20.15 17.70 -10.47
C LYS A 332 18.62 17.61 -10.46
N GLU A 333 18.08 16.76 -11.33
CA GLU A 333 16.63 16.58 -11.37
C GLU A 333 16.13 15.94 -10.08
N CYS A 334 16.89 14.98 -9.54
CA CYS A 334 16.54 14.43 -8.22
C CYS A 334 16.56 15.53 -7.16
N GLU A 335 17.52 16.45 -7.26
CA GLU A 335 17.62 17.50 -6.25
C GLU A 335 16.45 18.46 -6.33
N GLU A 336 16.01 18.82 -7.54
CA GLU A 336 14.91 19.77 -7.63
C GLU A 336 13.59 19.14 -7.20
N LEU A 337 13.46 17.82 -7.25
CA LEU A 337 12.22 17.15 -6.87
C LEU A 337 12.27 16.57 -5.45
N GLY A 338 13.43 16.61 -4.79
CA GLY A 338 13.56 16.05 -3.46
C GLY A 338 13.68 14.55 -3.41
N ILE A 339 14.10 13.92 -4.52
CA ILE A 339 14.19 12.47 -4.59
C ILE A 339 15.41 11.99 -3.81
N LEU A 340 15.23 10.90 -3.07
CA LEU A 340 16.35 10.19 -2.43
C LEU A 340 16.77 9.00 -3.28
N VAL A 341 18.05 8.64 -3.16
CA VAL A 341 18.63 7.56 -3.95
C VAL A 341 19.35 6.59 -3.03
N ASP A 342 19.14 5.30 -3.25
CA ASP A 342 19.91 4.27 -2.57
C ASP A 342 20.24 3.17 -3.57
N ARG A 343 21.15 2.30 -3.16
CA ARG A 343 21.60 1.21 -4.02
C ARG A 343 22.18 0.11 -3.15
N ASP A 344 21.88 -1.14 -3.50
CA ASP A 344 22.55 -2.27 -2.89
C ASP A 344 23.62 -2.81 -3.83
N ASP A 345 23.79 -4.13 -3.92
CA ASP A 345 24.77 -4.72 -4.82
C ASP A 345 24.14 -5.23 -6.11
N GLN A 346 22.87 -4.97 -6.33
CA GLN A 346 22.18 -5.50 -7.50
C GLN A 346 21.48 -4.42 -8.31
N GLY A 347 20.93 -3.40 -7.66
CA GLY A 347 20.22 -2.36 -8.38
C GLY A 347 20.26 -1.05 -7.62
N THR A 348 19.65 -0.03 -8.22
CA THR A 348 19.59 1.31 -7.64
C THR A 348 18.13 1.70 -7.45
N LEU A 349 17.91 2.56 -6.46
CA LEU A 349 16.60 2.86 -5.93
C LEU A 349 16.38 4.37 -5.88
N LEU A 350 15.30 4.86 -6.50
CA LEU A 350 14.85 6.23 -6.34
C LEU A 350 13.55 6.23 -5.53
N GLN A 351 13.46 7.12 -4.54
CA GLN A 351 12.29 7.10 -3.65
C GLN A 351 12.02 8.48 -3.07
N ILE A 352 10.79 8.67 -2.60
CA ILE A 352 10.40 9.88 -1.89
C ILE A 352 9.14 9.55 -1.11
N PHE A 353 8.90 10.30 -0.04
CA PHE A 353 7.79 10.03 0.87
C PHE A 353 6.86 11.22 0.96
N THR A 354 5.56 10.93 0.93
CA THR A 354 4.59 11.98 1.17
C THR A 354 4.42 12.24 2.67
N LYS A 355 3.87 13.41 2.98
CA LYS A 355 3.32 13.64 4.30
C LYS A 355 2.11 12.74 4.49
N PRO A 356 1.64 12.58 5.73
CA PRO A 356 0.50 11.69 5.98
C PRO A 356 -0.68 12.01 5.08
N LEU A 357 -1.41 10.96 4.68
CA LEU A 357 -2.48 11.10 3.70
C LEU A 357 -3.71 11.76 4.29
N GLY A 358 -3.88 11.72 5.60
CA GLY A 358 -5.05 12.29 6.22
C GLY A 358 -4.73 13.04 7.50
N ASP A 359 -5.72 13.14 8.40
CA ASP A 359 -5.56 13.96 9.60
C ASP A 359 -4.46 13.43 10.52
N ARG A 360 -4.36 12.12 10.65
CA ARG A 360 -3.46 11.58 11.67
C ARG A 360 -2.08 11.31 11.09
N PRO A 361 -1.05 11.40 11.94
CA PRO A 361 0.33 11.10 11.49
C PRO A 361 0.55 9.60 11.42
N THR A 362 -0.18 8.96 10.52
CA THR A 362 -0.18 7.51 10.45
C THR A 362 0.23 7.05 9.05
N ILE A 363 -0.72 6.82 8.16
CA ILE A 363 -0.40 6.28 6.84
C ILE A 363 0.17 7.38 5.92
N PHE A 364 1.15 7.01 5.11
CA PHE A 364 1.67 7.87 4.06
C PHE A 364 2.03 7.02 2.85
N ILE A 365 2.48 7.67 1.77
CA ILE A 365 2.78 6.99 0.53
C ILE A 365 4.26 7.22 0.22
N GLU A 366 4.88 6.19 -0.35
CA GLU A 366 6.20 6.29 -0.93
C GLU A 366 6.06 6.14 -2.44
N ILE A 367 6.78 6.96 -3.21
CA ILE A 367 6.89 6.77 -4.64
C ILE A 367 8.28 6.22 -4.92
N ILE A 368 8.36 5.21 -5.77
CA ILE A 368 9.59 4.46 -5.96
C ILE A 368 9.80 4.15 -7.43
N GLN A 369 11.07 4.13 -7.85
CA GLN A 369 11.41 3.56 -9.14
C GLN A 369 12.75 2.84 -8.99
N ARG A 370 12.83 1.65 -9.56
CA ARG A 370 13.98 0.77 -9.42
C ARG A 370 14.67 0.60 -10.77
N VAL A 371 15.99 0.52 -10.75
CA VAL A 371 16.76 0.38 -11.97
C VAL A 371 17.78 -0.73 -11.78
N GLY A 372 17.77 -1.70 -12.71
CA GLY A 372 18.64 -2.86 -12.63
C GLY A 372 17.88 -4.16 -12.48
N CYS A 373 18.59 -5.22 -12.09
CA CYS A 373 18.02 -6.55 -11.83
C CYS A 373 17.06 -6.98 -12.94
N MET A 374 17.50 -6.83 -14.18
CA MET A 374 16.74 -7.32 -15.31
C MET A 374 17.18 -8.75 -15.64
N MET A 375 16.20 -9.59 -15.96
CA MET A 375 16.46 -10.98 -16.30
C MET A 375 15.90 -11.26 -17.69
N TYR A 383 12.21 -8.79 -17.75
CA TYR A 383 11.50 -8.18 -16.62
C TYR A 383 12.45 -7.90 -15.47
N GLN A 384 11.96 -7.17 -14.46
CA GLN A 384 12.77 -6.76 -13.32
C GLN A 384 12.38 -7.58 -12.09
N SER A 385 13.39 -8.11 -11.40
CA SER A 385 13.12 -8.92 -10.23
C SER A 385 12.63 -8.05 -9.07
N GLY A 386 12.04 -8.69 -8.08
CA GLY A 386 11.40 -7.96 -6.99
C GLY A 386 12.40 -7.36 -6.04
N GLY A 387 12.08 -6.15 -5.56
CA GLY A 387 12.92 -5.53 -4.55
C GLY A 387 14.28 -5.13 -5.04
N CYS A 388 14.44 -4.94 -6.35
CA CYS A 388 15.72 -4.53 -6.93
C CYS A 388 16.23 -3.24 -6.31
N GLY A 389 17.40 -3.30 -5.69
CA GLY A 389 17.98 -2.16 -5.03
C GLY A 389 17.64 -2.03 -3.57
N GLY A 390 16.72 -2.84 -3.08
CA GLY A 390 16.39 -2.83 -1.67
C GLY A 390 15.23 -1.92 -1.36
N PHE A 391 15.30 -1.25 -0.23
CA PHE A 391 14.17 -0.43 0.21
C PHE A 391 14.62 0.93 0.71
N GLY A 392 15.90 1.27 0.55
CA GLY A 392 16.40 2.57 0.92
C GLY A 392 16.95 2.67 2.32
N LYS A 393 17.25 1.55 2.97
CA LYS A 393 17.71 1.61 4.36
C LYS A 393 19.01 2.40 4.49
N GLY A 394 19.82 2.45 3.43
CA GLY A 394 21.03 3.26 3.48
C GLY A 394 20.76 4.75 3.57
N ASN A 395 19.56 5.18 3.19
CA ASN A 395 19.25 6.60 3.25
C ASN A 395 19.05 7.12 4.67
N PHE A 396 18.90 6.24 5.66
CA PHE A 396 18.91 6.70 7.05
C PHE A 396 20.27 7.31 7.40
N SER A 397 21.35 6.57 7.13
CA SER A 397 22.68 7.07 7.46
C SER A 397 23.10 8.20 6.52
N GLU A 398 22.69 8.12 5.25
CA GLU A 398 23.06 9.17 4.29
C GLU A 398 22.36 10.48 4.62
N LEU A 399 21.09 10.40 5.05
CA LEU A 399 20.38 11.62 5.43
C LEU A 399 21.01 12.25 6.66
N PHE A 400 21.37 11.43 7.66
CA PHE A 400 22.00 11.97 8.86
C PHE A 400 23.34 12.61 8.52
N LYS A 401 24.17 11.92 7.73
CA LYS A 401 25.42 12.50 7.23
C LYS A 401 25.19 13.85 6.58
N SER A 402 24.32 13.88 5.57
CA SER A 402 24.10 15.11 4.81
C SER A 402 23.58 16.23 5.69
N ILE A 403 22.76 15.90 6.69
CA ILE A 403 22.24 16.92 7.60
C ILE A 403 23.40 17.54 8.39
N GLU A 404 24.25 16.71 8.99
CA GLU A 404 25.38 17.23 9.74
C GLU A 404 26.36 17.96 8.83
N GLU A 405 26.56 17.45 7.61
CA GLU A 405 27.46 18.11 6.67
C GLU A 405 26.99 19.52 6.33
N TYR A 406 25.70 19.66 5.99
CA TYR A 406 25.15 20.97 5.66
C TYR A 406 25.14 21.89 6.87
N GLU A 407 24.95 21.33 8.06
CA GLU A 407 25.01 22.13 9.28
C GLU A 407 26.39 22.76 9.46
N LYS A 408 27.43 22.01 9.15
CA LYS A 408 28.80 22.51 9.27
C LYS A 408 29.36 22.93 7.90
CO CO B . 9.39 1.67 1.76
C17 9R6 C . 10.45 2.84 6.73
C21 9R6 C . 11.05 -1.86 5.51
C22 9R6 C . 11.54 -2.58 4.41
C1 9R6 C . 12.20 1.22 3.83
C2 9R6 C . 11.71 2.63 3.36
C3 9R6 C . 12.43 3.90 3.92
C5 9R6 C . 13.57 4.23 3.18
C6 9R6 C . 14.32 5.36 3.49
C7 9R6 C . 13.94 6.18 4.54
C8 9R6 C . 12.79 5.88 5.27
C9 9R6 C . 12.02 4.75 4.97
C11 9R6 C . 14.80 7.43 4.83
C18 9R6 C . 11.28 0.04 3.43
C19 9R6 C . 11.29 -1.21 4.31
C23 9R6 C . 12.81 1.17 5.23
F12 9R6 C . 14.94 8.08 3.64
F13 9R6 C . 14.13 8.21 5.74
F14 9R6 C . 16.03 7.09 5.31
N24 9R6 C . 14.06 1.10 5.29
O4 9R6 C . 10.35 2.79 3.20
O15 9R6 C . 9.18 4.87 5.21
O16 9R6 C . 10.75 5.60 7.29
O20 9R6 C . 9.95 0.32 3.17
S10 9R6 C . 10.56 4.53 6.06
C1 MPD D . 11.51 8.95 8.60
C2 MPD D . 10.73 9.48 7.39
O2 MPD D . 10.20 8.39 6.70
CM MPD D . 11.69 10.24 6.46
C3 MPD D . 9.65 10.44 7.85
C4 MPD D . 8.21 9.94 7.66
O4 MPD D . 7.37 10.67 8.51
C5 MPD D . 7.74 10.15 6.22
#